data_7RVE
# 
_entry.id   7RVE 
# 
_audit_conform.dict_name       mmcif_pdbx.dic 
_audit_conform.dict_version    5.392 
_audit_conform.dict_location   http://mmcif.pdb.org/dictionaries/ascii/mmcif_pdbx.dic 
# 
loop_
_database_2.database_id 
_database_2.database_code 
_database_2.pdbx_database_accession 
_database_2.pdbx_DOI 
PDB   7RVE         pdb_00007rve 10.2210/pdb7rve/pdb 
WWPDB D_1000259063 ?            ?                   
# 
loop_
_pdbx_audit_revision_history.ordinal 
_pdbx_audit_revision_history.data_content_type 
_pdbx_audit_revision_history.major_revision 
_pdbx_audit_revision_history.minor_revision 
_pdbx_audit_revision_history.revision_date 
1 'Structure model' 1 0 2022-08-24 
2 'Structure model' 1 1 2024-05-22 
# 
_pdbx_audit_revision_details.ordinal             1 
_pdbx_audit_revision_details.revision_ordinal    1 
_pdbx_audit_revision_details.data_content_type   'Structure model' 
_pdbx_audit_revision_details.provider            repository 
_pdbx_audit_revision_details.type                'Initial release' 
_pdbx_audit_revision_details.description         ? 
_pdbx_audit_revision_details.details             ? 
# 
_pdbx_audit_revision_group.ordinal             1 
_pdbx_audit_revision_group.revision_ordinal    2 
_pdbx_audit_revision_group.data_content_type   'Structure model' 
_pdbx_audit_revision_group.group               'Data collection' 
# 
loop_
_pdbx_audit_revision_category.ordinal 
_pdbx_audit_revision_category.revision_ordinal 
_pdbx_audit_revision_category.data_content_type 
_pdbx_audit_revision_category.category 
1 2 'Structure model' chem_comp_atom 
2 2 'Structure model' chem_comp_bond 
# 
_pdbx_database_status.status_code                     REL 
_pdbx_database_status.status_code_sf                  REL 
_pdbx_database_status.status_code_mr                  ? 
_pdbx_database_status.entry_id                        7RVE 
_pdbx_database_status.recvd_initial_deposition_date   2021-08-18 
_pdbx_database_status.SG_entry                        N 
_pdbx_database_status.deposit_site                    RCSB 
_pdbx_database_status.process_site                    RCSB 
_pdbx_database_status.status_code_cs                  ? 
_pdbx_database_status.status_code_nmr_data            ? 
_pdbx_database_status.methods_development_category    ? 
_pdbx_database_status.pdb_format_compatible           Y 
# 
loop_
_audit_author.name 
_audit_author.pdbx_ordinal 
_audit_author.identifier_ORCID 
'Glynn, C.'       1 ? 
'Rodriguez, J.A.' 2 ? 
'Hernandez, E.'   3 ? 
# 
_citation.abstract                  ? 
_citation.abstract_id_CAS           ? 
_citation.book_id_ISBN              ? 
_citation.book_publisher            ? 
_citation.book_publisher_city       ? 
_citation.book_title                ? 
_citation.coordinate_linkage        ? 
_citation.country                   ? 
_citation.database_id_Medline       ? 
_citation.details                   ? 
_citation.id                        primary 
_citation.journal_abbrev            'To be published' 
_citation.journal_id_ASTM           ? 
_citation.journal_id_CSD            0353 
_citation.journal_id_ISSN           ? 
_citation.journal_full              ? 
_citation.journal_issue             ? 
_citation.journal_volume            ? 
_citation.language                  ? 
_citation.page_first                ? 
_citation.page_last                 ? 
_citation.title                     
'Structural and Biophysical Consequences of Sequence Variation in the B2a2 Loop of Mammalian Prions' 
_citation.year                      ? 
_citation.database_id_CSD           ? 
_citation.pdbx_database_id_DOI      ? 
_citation.pdbx_database_id_PubMed   ? 
_citation.pdbx_database_id_patent   ? 
_citation.unpublished_flag          ? 
# 
loop_
_citation_author.citation_id 
_citation_author.name 
_citation_author.ordinal 
_citation_author.identifier_ORCID 
primary 'Glynn, C.'           1 ? 
primary 'Hernandez, E.'       2 ? 
primary 'Gallagher-Jones, M.' 3 ? 
primary 'Miao, J.'            4 ? 
primary 'Rodriguez, J.A.'     5 ? 
# 
loop_
_entity.id 
_entity.type 
_entity.src_method 
_entity.pdbx_description 
_entity.formula_weight 
_entity.pdbx_number_of_molecules 
_entity.pdbx_ec 
_entity.pdbx_mutation 
_entity.pdbx_fragment 
_entity.details 
1 polymer syn 'Major prion protein' 1141.147 1 ? S170N 'UNP residues 168-176' ? 
2 water   nat water                 18.015   2 ? ?     ?                      ? 
# 
_entity_name_com.entity_id   1 
_entity_name_com.name        PrP,ASCR,PrP27-30,PrP33-35C 
# 
_entity_poly.entity_id                      1 
_entity_poly.type                           'polypeptide(L)' 
_entity_poly.nstd_linkage                   no 
_entity_poly.nstd_monomer                   no 
_entity_poly.pdbx_seq_one_letter_code       EYNNQNNFV 
_entity_poly.pdbx_seq_one_letter_code_can   EYNNQNNFV 
_entity_poly.pdbx_strand_id                 A 
_entity_poly.pdbx_target_identifier         ? 
# 
_pdbx_entity_nonpoly.entity_id   2 
_pdbx_entity_nonpoly.name        water 
_pdbx_entity_nonpoly.comp_id     HOH 
# 
loop_
_entity_poly_seq.entity_id 
_entity_poly_seq.num 
_entity_poly_seq.mon_id 
_entity_poly_seq.hetero 
1 1 GLU n 
1 2 TYR n 
1 3 ASN n 
1 4 ASN n 
1 5 GLN n 
1 6 ASN n 
1 7 ASN n 
1 8 PHE n 
1 9 VAL n 
# 
_pdbx_entity_src_syn.entity_id              1 
_pdbx_entity_src_syn.pdbx_src_id            1 
_pdbx_entity_src_syn.pdbx_alt_source_flag   sample 
_pdbx_entity_src_syn.pdbx_beg_seq_num       1 
_pdbx_entity_src_syn.pdbx_end_seq_num       9 
_pdbx_entity_src_syn.organism_scientific    'Homo sapiens' 
_pdbx_entity_src_syn.organism_common_name   Human 
_pdbx_entity_src_syn.ncbi_taxonomy_id       9606 
_pdbx_entity_src_syn.details                ? 
# 
loop_
_chem_comp.id 
_chem_comp.type 
_chem_comp.mon_nstd_flag 
_chem_comp.name 
_chem_comp.pdbx_synonyms 
_chem_comp.formula 
_chem_comp.formula_weight 
ASN 'L-peptide linking' y ASPARAGINE      ? 'C4 H8 N2 O3'  132.118 
GLN 'L-peptide linking' y GLUTAMINE       ? 'C5 H10 N2 O3' 146.144 
GLU 'L-peptide linking' y 'GLUTAMIC ACID' ? 'C5 H9 N O4'   147.129 
HOH non-polymer         . WATER           ? 'H2 O'         18.015  
PHE 'L-peptide linking' y PHENYLALANINE   ? 'C9 H11 N O2'  165.189 
SER 'L-peptide linking' y SERINE          ? 'C3 H7 N O3'   105.093 
TYR 'L-peptide linking' y TYROSINE        ? 'C9 H11 N O3'  181.189 
VAL 'L-peptide linking' y VALINE          ? 'C5 H11 N O2'  117.146 
# 
loop_
_pdbx_poly_seq_scheme.asym_id 
_pdbx_poly_seq_scheme.entity_id 
_pdbx_poly_seq_scheme.seq_id 
_pdbx_poly_seq_scheme.mon_id 
_pdbx_poly_seq_scheme.ndb_seq_num 
_pdbx_poly_seq_scheme.pdb_seq_num 
_pdbx_poly_seq_scheme.auth_seq_num 
_pdbx_poly_seq_scheme.pdb_mon_id 
_pdbx_poly_seq_scheme.auth_mon_id 
_pdbx_poly_seq_scheme.pdb_strand_id 
_pdbx_poly_seq_scheme.pdb_ins_code 
_pdbx_poly_seq_scheme.hetero 
A 1 1 GLU 1 168 168 GLU GLU A . n 
A 1 2 TYR 2 169 169 TYR TYR A . n 
A 1 3 ASN 3 170 170 ASN ASN A . n 
A 1 4 ASN 4 171 171 ASN ASN A . n 
A 1 5 GLN 5 172 172 GLN GLN A . n 
A 1 6 ASN 6 173 173 ASN ASN A . n 
A 1 7 ASN 7 174 174 ASN ASN A . n 
A 1 8 PHE 8 175 175 PHE PHE A . n 
A 1 9 VAL 9 176 176 VAL VAL A . n 
# 
loop_
_pdbx_nonpoly_scheme.asym_id 
_pdbx_nonpoly_scheme.entity_id 
_pdbx_nonpoly_scheme.mon_id 
_pdbx_nonpoly_scheme.ndb_seq_num 
_pdbx_nonpoly_scheme.pdb_seq_num 
_pdbx_nonpoly_scheme.auth_seq_num 
_pdbx_nonpoly_scheme.pdb_mon_id 
_pdbx_nonpoly_scheme.auth_mon_id 
_pdbx_nonpoly_scheme.pdb_strand_id 
_pdbx_nonpoly_scheme.pdb_ins_code 
B 2 HOH 1 201 2 HOH HOH A . 
B 2 HOH 2 202 1 HOH HOH A . 
# 
loop_
_software.citation_id 
_software.classification 
_software.compiler_name 
_software.compiler_version 
_software.contact_author 
_software.contact_author_email 
_software.date 
_software.description 
_software.dependencies 
_software.hardware 
_software.language 
_software.location 
_software.mods 
_software.name 
_software.os 
_software.os_version 
_software.type 
_software.version 
_software.pdbx_ordinal 
? 'data scaling'    ? ? ? ? ? ? ? ? ? ? ? XSCALE      ? ? ? .           1 
? refinement        ? ? ? ? ? ? ? ? ? ? ? PHENIX      ? ? ? 1.19.2_4158 2 
? 'data extraction' ? ? ? ? ? ? ? ? ? ? ? PDB_EXTRACT ? ? ? 3.27        3 
? 'data reduction'  ? ? ? ? ? ? ? ? ? ? ? XDS         ? ? ? .           4 
? phasing           ? ? ? ? ? ? ? ? ? ? ? SHELXD      ? ? ? .           5 
# 
_cell.angle_alpha                  94.130 
_cell.angle_alpha_esd              ? 
_cell.angle_beta                   90.590 
_cell.angle_beta_esd               ? 
_cell.angle_gamma                  102.740 
_cell.angle_gamma_esd              ? 
_cell.entry_id                     7RVE 
_cell.details                      ? 
_cell.formula_units_Z              ? 
_cell.length_a                     4.930 
_cell.length_a_esd                 ? 
_cell.length_b                     10.140 
_cell.length_b_esd                 ? 
_cell.length_c                     31.560 
_cell.length_c_esd                 ? 
_cell.volume                       ? 
_cell.volume_esd                   ? 
_cell.Z_PDB                        1 
_cell.reciprocal_angle_alpha       ? 
_cell.reciprocal_angle_beta        ? 
_cell.reciprocal_angle_gamma       ? 
_cell.reciprocal_angle_alpha_esd   ? 
_cell.reciprocal_angle_beta_esd    ? 
_cell.reciprocal_angle_gamma_esd   ? 
_cell.reciprocal_length_a          ? 
_cell.reciprocal_length_b          ? 
_cell.reciprocal_length_c          ? 
_cell.reciprocal_length_a_esd      ? 
_cell.reciprocal_length_b_esd      ? 
_cell.reciprocal_length_c_esd      ? 
_cell.pdbx_unique_axis             ? 
# 
_symmetry.entry_id                         7RVE 
_symmetry.cell_setting                     ? 
_symmetry.Int_Tables_number                1 
_symmetry.space_group_name_Hall            ? 
_symmetry.space_group_name_H-M             'P 1' 
_symmetry.pdbx_full_space_group_name_H-M   ? 
# 
_exptl.absorpt_coefficient_mu     ? 
_exptl.absorpt_correction_T_max   ? 
_exptl.absorpt_correction_T_min   ? 
_exptl.absorpt_correction_type    ? 
_exptl.absorpt_process_details    ? 
_exptl.entry_id                   7RVE 
_exptl.crystals_number            1 
_exptl.details                    ? 
_exptl.method                     'ELECTRON CRYSTALLOGRAPHY' 
_exptl.method_details             ? 
# 
_exptl_crystal.colour                      ? 
_exptl_crystal.density_diffrn              ? 
_exptl_crystal.density_Matthews            ? 
_exptl_crystal.density_method              ? 
_exptl_crystal.density_percent_sol         ? 
_exptl_crystal.description                 ? 
_exptl_crystal.F_000                       ? 
_exptl_crystal.id                          1 
_exptl_crystal.preparation                 ? 
_exptl_crystal.size_max                    ? 
_exptl_crystal.size_mid                    ? 
_exptl_crystal.size_min                    ? 
_exptl_crystal.size_rad                    ? 
_exptl_crystal.colour_lustre               ? 
_exptl_crystal.colour_modifier             ? 
_exptl_crystal.colour_primary              ? 
_exptl_crystal.density_meas                ? 
_exptl_crystal.density_meas_esd            ? 
_exptl_crystal.density_meas_gt             ? 
_exptl_crystal.density_meas_lt             ? 
_exptl_crystal.density_meas_temp           ? 
_exptl_crystal.density_meas_temp_esd       ? 
_exptl_crystal.density_meas_temp_gt        ? 
_exptl_crystal.density_meas_temp_lt        ? 
_exptl_crystal.pdbx_crystal_image_url      ? 
_exptl_crystal.pdbx_crystal_image_format   ? 
_exptl_crystal.pdbx_mosaicity              ? 
_exptl_crystal.pdbx_mosaicity_esd          ? 
# 
_exptl_crystal_grow.apparatus       ? 
_exptl_crystal_grow.atmosphere      ? 
_exptl_crystal_grow.crystal_id      1 
_exptl_crystal_grow.details         ? 
_exptl_crystal_grow.method          'VAPOR DIFFUSION, HANGING DROP' 
_exptl_crystal_grow.method_ref      ? 
_exptl_crystal_grow.pH              4.5 
_exptl_crystal_grow.pressure        ? 
_exptl_crystal_grow.pressure_esd    ? 
_exptl_crystal_grow.seeding         ? 
_exptl_crystal_grow.seeding_ref     ? 
_exptl_crystal_grow.temp            298 
_exptl_crystal_grow.temp_details    ? 
_exptl_crystal_grow.temp_esd        ? 
_exptl_crystal_grow.time            ? 
_exptl_crystal_grow.pdbx_details    '0.1 M sodium acetate, pH 4.5, 1 M sodium chloride, 0.1 M lithium sulfate' 
_exptl_crystal_grow.pdbx_pH_range   ? 
# 
_diffrn.ambient_environment              ? 
_diffrn.ambient_temp                     100 
_diffrn.ambient_temp_details             ? 
_diffrn.ambient_temp_esd                 ? 
_diffrn.crystal_id                       1 
_diffrn.crystal_support                  ? 
_diffrn.crystal_treatment                ? 
_diffrn.details                          ? 
_diffrn.id                               1 
_diffrn.ambient_pressure                 ? 
_diffrn.ambient_pressure_esd             ? 
_diffrn.ambient_pressure_gt              ? 
_diffrn.ambient_pressure_lt              ? 
_diffrn.ambient_temp_gt                  ? 
_diffrn.ambient_temp_lt                  ? 
_diffrn.pdbx_serial_crystal_experiment   N 
# 
_diffrn_detector.details                      ? 
_diffrn_detector.detector                     CMOS 
_diffrn_detector.diffrn_id                    1 
_diffrn_detector.type                         'TVIPS TEMCAM-F416' 
_diffrn_detector.area_resol_mean              ? 
_diffrn_detector.dtime                        ? 
_diffrn_detector.pdbx_frames_total            ? 
_diffrn_detector.pdbx_collection_time_total   ? 
_diffrn_detector.pdbx_collection_date         2017-04-25 
_diffrn_detector.pdbx_frequency               ? 
# 
_diffrn_radiation.collimation                      ? 
_diffrn_radiation.diffrn_id                        1 
_diffrn_radiation.filter_edge                      ? 
_diffrn_radiation.inhomogeneity                    ? 
_diffrn_radiation.monochromator                    ? 
_diffrn_radiation.polarisn_norm                    ? 
_diffrn_radiation.polarisn_ratio                   ? 
_diffrn_radiation.probe                            ? 
_diffrn_radiation.type                             ? 
_diffrn_radiation.xray_symbol                      ? 
_diffrn_radiation.wavelength_id                    1 
_diffrn_radiation.pdbx_monochromatic_or_laue_m_l   M 
_diffrn_radiation.pdbx_wavelength_list             ? 
_diffrn_radiation.pdbx_wavelength                  ? 
_diffrn_radiation.pdbx_diffrn_protocol             'SINGLE WAVELENGTH' 
_diffrn_radiation.pdbx_analyzer                    ? 
_diffrn_radiation.pdbx_scattering_type             electron 
# 
_diffrn_radiation_wavelength.id           1 
_diffrn_radiation_wavelength.wavelength   0.0251 
_diffrn_radiation_wavelength.wt           1.0 
# 
_diffrn_source.current                     ? 
_diffrn_source.details                     ? 
_diffrn_source.diffrn_id                   1 
_diffrn_source.power                       ? 
_diffrn_source.size                        ? 
_diffrn_source.source                      'ELECTRON MICROSCOPE' 
_diffrn_source.target                      ? 
_diffrn_source.type                        OTHER 
_diffrn_source.voltage                     ? 
_diffrn_source.take-off_angle              ? 
_diffrn_source.pdbx_wavelength_list        0.0251 
_diffrn_source.pdbx_wavelength             ? 
_diffrn_source.pdbx_synchrotron_beamline   ? 
_diffrn_source.pdbx_synchrotron_site       ? 
# 
_reflns.B_iso_Wilson_estimate                          5.330 
_reflns.entry_id                                       7RVE 
_reflns.data_reduction_details                         ? 
_reflns.data_reduction_method                          ? 
_reflns.d_resolution_high                              0.850 
_reflns.d_resolution_low                               9.860 
_reflns.details                                        ? 
_reflns.limit_h_max                                    ? 
_reflns.limit_h_min                                    ? 
_reflns.limit_k_max                                    ? 
_reflns.limit_k_min                                    ? 
_reflns.limit_l_max                                    ? 
_reflns.limit_l_min                                    ? 
_reflns.number_all                                     ? 
_reflns.number_obs                                     4694 
_reflns.observed_criterion                             ? 
_reflns.observed_criterion_F_max                       ? 
_reflns.observed_criterion_F_min                       ? 
_reflns.observed_criterion_I_max                       ? 
_reflns.observed_criterion_I_min                       ? 
_reflns.observed_criterion_sigma_F                     ? 
_reflns.observed_criterion_sigma_I                     ? 
_reflns.percent_possible_obs                           89.800 
_reflns.R_free_details                                 ? 
_reflns.Rmerge_F_all                                   ? 
_reflns.Rmerge_F_obs                                   ? 
_reflns.Friedel_coverage                               ? 
_reflns.number_gt                                      ? 
_reflns.threshold_expression                           ? 
_reflns.pdbx_redundancy                                3.547 
_reflns.pdbx_Rmerge_I_obs                              0.185 
_reflns.pdbx_Rmerge_I_all                              ? 
_reflns.pdbx_Rsym_value                                ? 
_reflns.pdbx_netI_over_av_sigmaI                       ? 
_reflns.pdbx_netI_over_sigmaI                          3.810 
_reflns.pdbx_res_netI_over_av_sigmaI_2                 ? 
_reflns.pdbx_res_netI_over_sigmaI_2                    ? 
_reflns.pdbx_chi_squared                               0.883 
_reflns.pdbx_scaling_rejects                           11 
_reflns.pdbx_d_res_high_opt                            ? 
_reflns.pdbx_d_res_low_opt                             ? 
_reflns.pdbx_d_res_opt_method                          ? 
_reflns.phase_calculation_details                      ? 
_reflns.pdbx_Rrim_I_all                                0.211 
_reflns.pdbx_Rpim_I_all                                ? 
_reflns.pdbx_d_opt                                     ? 
_reflns.pdbx_number_measured_all                       16649 
_reflns.pdbx_diffrn_id                                 1 
_reflns.pdbx_ordinal                                   1 
_reflns.pdbx_CC_half                                   0.985 
_reflns.pdbx_CC_star                                   ? 
_reflns.pdbx_R_split                                   ? 
_reflns.pdbx_aniso_diffraction_limit_axis_1_ortho[1]   ? 
_reflns.pdbx_aniso_diffraction_limit_axis_1_ortho[2]   ? 
_reflns.pdbx_aniso_diffraction_limit_axis_1_ortho[3]   ? 
_reflns.pdbx_aniso_diffraction_limit_axis_2_ortho[1]   ? 
_reflns.pdbx_aniso_diffraction_limit_axis_2_ortho[2]   ? 
_reflns.pdbx_aniso_diffraction_limit_axis_2_ortho[3]   ? 
_reflns.pdbx_aniso_diffraction_limit_axis_3_ortho[1]   ? 
_reflns.pdbx_aniso_diffraction_limit_axis_3_ortho[2]   ? 
_reflns.pdbx_aniso_diffraction_limit_axis_3_ortho[3]   ? 
_reflns.pdbx_aniso_diffraction_limit_1                 ? 
_reflns.pdbx_aniso_diffraction_limit_2                 ? 
_reflns.pdbx_aniso_diffraction_limit_3                 ? 
_reflns.pdbx_aniso_B_tensor_eigenvector_1_ortho[1]     ? 
_reflns.pdbx_aniso_B_tensor_eigenvector_1_ortho[2]     ? 
_reflns.pdbx_aniso_B_tensor_eigenvector_1_ortho[3]     ? 
_reflns.pdbx_aniso_B_tensor_eigenvector_2_ortho[1]     ? 
_reflns.pdbx_aniso_B_tensor_eigenvector_2_ortho[2]     ? 
_reflns.pdbx_aniso_B_tensor_eigenvector_2_ortho[3]     ? 
_reflns.pdbx_aniso_B_tensor_eigenvector_3_ortho[1]     ? 
_reflns.pdbx_aniso_B_tensor_eigenvector_3_ortho[2]     ? 
_reflns.pdbx_aniso_B_tensor_eigenvector_3_ortho[3]     ? 
_reflns.pdbx_aniso_B_tensor_eigenvalue_1               ? 
_reflns.pdbx_aniso_B_tensor_eigenvalue_2               ? 
_reflns.pdbx_aniso_B_tensor_eigenvalue_3               ? 
_reflns.pdbx_orthogonalization_convention              ? 
_reflns.pdbx_percent_possible_ellipsoidal              ? 
_reflns.pdbx_percent_possible_spherical                ? 
_reflns.pdbx_percent_possible_ellipsoidal_anomalous    ? 
_reflns.pdbx_percent_possible_spherical_anomalous      ? 
_reflns.pdbx_redundancy_anomalous                      ? 
_reflns.pdbx_CC_half_anomalous                         ? 
_reflns.pdbx_absDiff_over_sigma_anomalous              ? 
_reflns.pdbx_percent_possible_anomalous                ? 
_reflns.pdbx_observed_signal_threshold                 ? 
_reflns.pdbx_signal_type                               ? 
_reflns.pdbx_signal_details                            ? 
_reflns.pdbx_signal_software_id                        ? 
# 
loop_
_reflns_shell.d_res_high 
_reflns_shell.d_res_low 
_reflns_shell.meanI_over_sigI_all 
_reflns_shell.meanI_over_sigI_obs 
_reflns_shell.number_measured_all 
_reflns_shell.number_measured_obs 
_reflns_shell.number_possible 
_reflns_shell.number_unique_all 
_reflns_shell.number_unique_obs 
_reflns_shell.percent_possible_all 
_reflns_shell.percent_possible_obs 
_reflns_shell.Rmerge_F_all 
_reflns_shell.Rmerge_F_obs 
_reflns_shell.Rmerge_I_all 
_reflns_shell.Rmerge_I_obs 
_reflns_shell.meanI_over_sigI_gt 
_reflns_shell.meanI_over_uI_all 
_reflns_shell.meanI_over_uI_gt 
_reflns_shell.number_measured_gt 
_reflns_shell.number_unique_gt 
_reflns_shell.percent_possible_gt 
_reflns_shell.Rmerge_F_gt 
_reflns_shell.Rmerge_I_gt 
_reflns_shell.pdbx_redundancy 
_reflns_shell.pdbx_Rsym_value 
_reflns_shell.pdbx_chi_squared 
_reflns_shell.pdbx_netI_over_sigmaI_all 
_reflns_shell.pdbx_netI_over_sigmaI_obs 
_reflns_shell.pdbx_Rrim_I_all 
_reflns_shell.pdbx_Rpim_I_all 
_reflns_shell.pdbx_rejects 
_reflns_shell.pdbx_ordinal 
_reflns_shell.pdbx_diffrn_id 
_reflns_shell.pdbx_CC_half 
_reflns_shell.pdbx_CC_star 
_reflns_shell.pdbx_R_split 
_reflns_shell.pdbx_percent_possible_ellipsoidal 
_reflns_shell.pdbx_percent_possible_spherical 
_reflns_shell.pdbx_percent_possible_ellipsoidal_anomalous 
_reflns_shell.pdbx_percent_possible_spherical_anomalous 
_reflns_shell.pdbx_redundancy_anomalous 
_reflns_shell.pdbx_CC_half_anomalous 
_reflns_shell.pdbx_absDiff_over_sigma_anomalous 
_reflns_shell.pdbx_percent_possible_anomalous 
0.850 0.870 ? 1.220 ? 392  373 ? 161 43.200 ? ? ? ? 0.505 ? ? ? ? ? ? ? ? 2.435 ? ? ? ? 0.631 ? ? 1  1 0.617 ? ? ? ? ? ? ? ? ? ? 
0.870 0.900 ? 1.540 ? 749  354 ? 271 76.600 ? ? ? ? 0.483 ? ? ? ? ? ? ? ? 2.764 ? ? ? ? 0.587 ? ? 2  1 0.740 ? ? ? ? ? ? ? ? ? ? 
0.900 0.920 ? 1.850 ? 1015 391 ? 336 85.900 ? ? ? ? 0.429 ? ? ? ? ? ? ? ? 3.021 ? ? ? ? 0.513 ? ? 3  1 0.767 ? ? ? ? ? ? ? ? ? ? 
0.920 0.950 ? 2.170 ? 1178 360 ? 341 94.700 ? ? ? ? 0.397 ? ? ? ? ? ? ? ? 3.455 ? ? ? ? 0.458 ? ? 4  1 0.877 ? ? ? ? ? ? ? ? ? ? 
0.950 0.980 ? 2.740 ? 1291 362 ? 350 96.700 ? ? ? ? 0.316 ? ? ? ? ? ? ? ? 3.689 ? ? ? ? 0.363 ? ? 5  1 0.926 ? ? ? ? ? ? ? ? ? ? 
0.980 1.020 ? 2.600 ? 1215 344 ? 336 97.700 ? ? ? ? 0.331 ? ? ? ? ? ? ? ? 3.616 ? ? ? ? 0.384 ? ? 6  1 0.910 ? ? ? ? ? ? ? ? ? ? 
1.020 1.050 ? 2.890 ? 975  288 ? 279 96.900 ? ? ? ? 0.332 ? ? ? ? ? ? ? ? 3.495 ? ? ? ? 0.383 ? ? 7  1 0.917 ? ? ? ? ? ? ? ? ? ? 
1.050 1.100 ? 3.350 ? 1032 304 ? 293 96.400 ? ? ? ? 0.317 ? ? ? ? ? ? ? ? 3.522 ? ? ? ? 0.365 ? ? 8  1 0.904 ? ? ? ? ? ? ? ? ? ? 
1.100 1.150 ? 4.240 ? 1198 317 ? 307 96.800 ? ? ? ? 0.284 ? ? ? ? ? ? ? ? 3.902 ? ? ? ? 0.322 ? ? 9  1 0.910 ? ? ? ? ? ? ? ? ? ? 
1.150 1.200 ? 4.290 ? 1004 289 ? 280 96.900 ? ? ? ? 0.250 ? ? ? ? ? ? ? ? 3.586 ? ? ? ? 0.289 ? ? 10 1 0.941 ? ? ? ? ? ? ? ? ? ? 
1.200 1.270 ? 4.610 ? 1109 282 ? 272 96.500 ? ? ? ? 0.249 ? ? ? ? ? ? ? ? 4.077 ? ? ? ? 0.283 ? ? 11 1 0.954 ? ? ? ? ? ? ? ? ? ? 
1.270 1.340 ? 4.100 ? 716  222 ? 209 94.100 ? ? ? ? 0.246 ? ? ? ? ? ? ? ? 3.426 ? ? ? ? 0.290 ? ? 12 1 0.949 ? ? ? ? ? ? ? ? ? ? 
1.340 1.440 ? 4.930 ? 902  251 ? 241 96.000 ? ? ? ? 0.253 ? ? ? ? ? ? ? ? 3.743 ? ? ? ? 0.287 ? ? 13 1 0.963 ? ? ? ? ? ? ? ? ? ? 
1.440 1.550 ? 5.280 ? 824  233 ? 224 96.100 ? ? ? ? 0.219 ? ? ? ? ? ? ? ? 3.679 ? ? ? ? 0.250 ? ? 14 1 0.935 ? ? ? ? ? ? ? ? ? ? 
1.550 1.700 ? 6.560 ? 824  215 ? 201 93.500 ? ? ? ? 0.195 ? ? ? ? ? ? ? ? 4.100 ? ? ? ? 0.218 ? ? 15 1 0.962 ? ? ? ? ? ? ? ? ? ? 
1.700 1.900 ? 5.650 ? 484  159 ? 148 93.100 ? ? ? ? 0.167 ? ? ? ? ? ? ? ? 3.270 ? ? ? ? 0.196 ? ? 16 1 0.971 ? ? ? ? ? ? ? ? ? ? 
1.900 2.200 ? 6.470 ? 624  176 ? 165 93.800 ? ? ? ? 0.175 ? ? ? ? ? ? ? ? 3.782 ? ? ? ? 0.203 ? ? 17 1 0.967 ? ? ? ? ? ? ? ? ? ? 
2.200 2.690 ? 7.260 ? 544  142 ? 133 93.700 ? ? ? ? 0.149 ? ? ? ? ? ? ? ? 4.090 ? ? ? ? 0.167 ? ? 18 1 0.980 ? ? ? ? ? ? ? ? ? ? 
2.690 3.800 ? 7.410 ? 344  102 ? 93  91.200 ? ? ? ? 0.124 ? ? ? ? ? ? ? ? 3.699 ? ? ? ? 0.140 ? ? 19 1 0.982 ? ? ? ? ? ? ? ? ? ? 
3.800 9.860 ? 8.430 ? 229  62  ? 54  87.100 ? ? ? ? 0.139 ? ? ? ? ? ? ? ? 4.241 ? ? ? ? 0.156 ? ? 20 1 0.972 ? ? ? ? ? ? ? ? ? ? 
# 
_refine.aniso_B[1][1]                            ? 
_refine.aniso_B[1][2]                            ? 
_refine.aniso_B[1][3]                            ? 
_refine.aniso_B[2][2]                            ? 
_refine.aniso_B[2][3]                            ? 
_refine.aniso_B[3][3]                            ? 
_refine.B_iso_max                                151.530 
_refine.B_iso_mean                               23.5867 
_refine.B_iso_min                                0.930 
_refine.correlation_coeff_Fo_to_Fc               ? 
_refine.correlation_coeff_Fo_to_Fc_free          ? 
_refine.details                                  ? 
_refine.diff_density_max                         ? 
_refine.diff_density_max_esd                     ? 
_refine.diff_density_min                         ? 
_refine.diff_density_min_esd                     ? 
_refine.diff_density_rms                         ? 
_refine.diff_density_rms_esd                     ? 
_refine.entry_id                                 7RVE 
_refine.pdbx_refine_id                           'ELECTRON CRYSTALLOGRAPHY' 
_refine.ls_abs_structure_details                 ? 
_refine.ls_abs_structure_Flack                   ? 
_refine.ls_abs_structure_Flack_esd               ? 
_refine.ls_abs_structure_Rogers                  ? 
_refine.ls_abs_structure_Rogers_esd              ? 
_refine.ls_d_res_high                            0.8500 
_refine.ls_d_res_low                             9.8600 
_refine.ls_extinction_coef                       ? 
_refine.ls_extinction_coef_esd                   ? 
_refine.ls_extinction_expression                 ? 
_refine.ls_extinction_method                     ? 
_refine.ls_goodness_of_fit_all                   ? 
_refine.ls_goodness_of_fit_all_esd               ? 
_refine.ls_goodness_of_fit_obs                   ? 
_refine.ls_goodness_of_fit_obs_esd               ? 
_refine.ls_hydrogen_treatment                    ? 
_refine.ls_matrix_type                           ? 
_refine.ls_number_constraints                    ? 
_refine.ls_number_parameters                     ? 
_refine.ls_number_reflns_all                     ? 
_refine.ls_number_reflns_obs                     4692 
_refine.ls_number_reflns_R_free                  422 
_refine.ls_number_reflns_R_work                  4270 
_refine.ls_number_restraints                     ? 
_refine.ls_percent_reflns_obs                    89.8500 
_refine.ls_percent_reflns_R_free                 8.9900 
_refine.ls_R_factor_all                          ? 
_refine.ls_R_factor_obs                          0.2177 
_refine.ls_R_factor_R_free                       0.2663 
_refine.ls_R_factor_R_free_error                 ? 
_refine.ls_R_factor_R_free_error_details         ? 
_refine.ls_R_factor_R_work                       0.2128 
_refine.ls_R_Fsqd_factor_obs                     ? 
_refine.ls_R_I_factor_obs                        ? 
_refine.ls_redundancy_reflns_all                 ? 
_refine.ls_redundancy_reflns_obs                 ? 
_refine.ls_restrained_S_all                      ? 
_refine.ls_restrained_S_obs                      ? 
_refine.ls_shift_over_esd_max                    ? 
_refine.ls_shift_over_esd_mean                   ? 
_refine.ls_structure_factor_coef                 ? 
_refine.ls_weighting_details                     ? 
_refine.ls_weighting_scheme                      ? 
_refine.ls_wR_factor_all                         ? 
_refine.ls_wR_factor_obs                         ? 
_refine.ls_wR_factor_R_free                      ? 
_refine.ls_wR_factor_R_work                      ? 
_refine.occupancy_max                            ? 
_refine.occupancy_min                            ? 
_refine.solvent_model_details                    'FLAT BULK SOLVENT MODEL' 
_refine.solvent_model_param_bsol                 ? 
_refine.solvent_model_param_ksol                 ? 
_refine.pdbx_R_complete                          ? 
_refine.ls_R_factor_gt                           ? 
_refine.ls_goodness_of_fit_gt                    ? 
_refine.ls_goodness_of_fit_ref                   ? 
_refine.ls_shift_over_su_max                     ? 
_refine.ls_shift_over_su_max_lt                  ? 
_refine.ls_shift_over_su_mean                    ? 
_refine.ls_shift_over_su_mean_lt                 ? 
_refine.pdbx_ls_sigma_I                          ? 
_refine.pdbx_ls_sigma_F                          2.020 
_refine.pdbx_ls_sigma_Fsqd                       ? 
_refine.pdbx_data_cutoff_high_absF               ? 
_refine.pdbx_data_cutoff_high_rms_absF           ? 
_refine.pdbx_data_cutoff_low_absF                ? 
_refine.pdbx_isotropic_thermal_model             ? 
_refine.pdbx_ls_cross_valid_method               THROUGHOUT 
_refine.pdbx_method_to_determine_struct          'AB INITIO PHASING' 
_refine.pdbx_starting_model                      ? 
_refine.pdbx_stereochemistry_target_values       ML 
_refine.pdbx_R_Free_selection_details            ? 
_refine.pdbx_stereochem_target_val_spec_case     ? 
_refine.pdbx_overall_ESU_R                       ? 
_refine.pdbx_overall_ESU_R_Free                  ? 
_refine.pdbx_solvent_vdw_probe_radii             1.1100 
_refine.pdbx_solvent_ion_probe_radii             ? 
_refine.pdbx_solvent_shrinkage_radii             0.9000 
_refine.pdbx_real_space_R                        ? 
_refine.pdbx_density_correlation                 ? 
_refine.pdbx_pd_number_of_powder_patterns        ? 
_refine.pdbx_pd_number_of_points                 ? 
_refine.pdbx_pd_meas_number_of_points            ? 
_refine.pdbx_pd_proc_ls_prof_R_factor            ? 
_refine.pdbx_pd_proc_ls_prof_wR_factor           ? 
_refine.pdbx_pd_Marquardt_correlation_coeff      ? 
_refine.pdbx_pd_Fsqrd_R_factor                   ? 
_refine.pdbx_pd_ls_matrix_band_width             ? 
_refine.pdbx_overall_phase_error                 38.3900 
_refine.pdbx_overall_SU_R_free_Cruickshank_DPI   ? 
_refine.pdbx_overall_SU_R_free_Blow_DPI          ? 
_refine.pdbx_overall_SU_R_Blow_DPI               ? 
_refine.pdbx_TLS_residual_ADP_flag               ? 
_refine.pdbx_diffrn_id                           1 
_refine.overall_SU_B                             ? 
_refine.overall_SU_ML                            0.1400 
_refine.overall_SU_R_Cruickshank_DPI             ? 
_refine.overall_SU_R_free                        ? 
_refine.overall_FOM_free_R_set                   ? 
_refine.overall_FOM_work_R_set                   ? 
_refine.pdbx_average_fsc_overall                 ? 
_refine.pdbx_average_fsc_work                    ? 
_refine.pdbx_average_fsc_free                    ? 
# 
_refine_hist.pdbx_refine_id                   'ELECTRON CRYSTALLOGRAPHY' 
_refine_hist.cycle_id                         final 
_refine_hist.details                          ? 
_refine_hist.d_res_high                       0.8500 
_refine_hist.d_res_low                        9.8600 
_refine_hist.number_atoms_solvent             2 
_refine_hist.number_atoms_total               83 
_refine_hist.number_reflns_all                ? 
_refine_hist.number_reflns_obs                ? 
_refine_hist.number_reflns_R_free             ? 
_refine_hist.number_reflns_R_work             ? 
_refine_hist.R_factor_all                     ? 
_refine_hist.R_factor_obs                     ? 
_refine_hist.R_factor_R_free                  ? 
_refine_hist.R_factor_R_work                  ? 
_refine_hist.pdbx_number_residues_total       9 
_refine_hist.pdbx_B_iso_mean_ligand           ? 
_refine_hist.pdbx_B_iso_mean_solvent          22.27 
_refine_hist.pdbx_number_atoms_protein        81 
_refine_hist.pdbx_number_atoms_nucleic_acid   0 
_refine_hist.pdbx_number_atoms_ligand         0 
_refine_hist.pdbx_number_atoms_lipid          ? 
_refine_hist.pdbx_number_atoms_carb           ? 
_refine_hist.pdbx_pseudo_atom_details         ? 
# 
loop_
_refine_ls_shell.pdbx_refine_id 
_refine_ls_shell.d_res_high 
_refine_ls_shell.d_res_low 
_refine_ls_shell.number_reflns_all 
_refine_ls_shell.number_reflns_obs 
_refine_ls_shell.number_reflns_R_free 
_refine_ls_shell.number_reflns_R_work 
_refine_ls_shell.percent_reflns_obs 
_refine_ls_shell.percent_reflns_R_free 
_refine_ls_shell.R_factor_all 
_refine_ls_shell.R_factor_obs 
_refine_ls_shell.R_factor_R_free 
_refine_ls_shell.R_factor_R_free_error 
_refine_ls_shell.R_factor_R_work 
_refine_ls_shell.redundancy_reflns_all 
_refine_ls_shell.redundancy_reflns_obs 
_refine_ls_shell.wR_factor_all 
_refine_ls_shell.wR_factor_obs 
_refine_ls_shell.wR_factor_R_free 
_refine_ls_shell.wR_factor_R_work 
_refine_ls_shell.pdbx_R_complete 
_refine_ls_shell.pdbx_total_number_of_bins_used 
_refine_ls_shell.pdbx_phase_error 
_refine_ls_shell.pdbx_fsc_work 
_refine_ls_shell.pdbx_fsc_free 
'ELECTRON CRYSTALLOGRAPHY' 0.8500 0.9700 1373 . 124 1249 78.0000 . . . 0.3313 0.0000 0.2743 . . . . . . . 3 . . . 
'ELECTRON CRYSTALLOGRAPHY' 0.9700 1.2300 1694 . 151 1543 97.0000 . . . 0.2869 0.0000 0.2534 . . . . . . . 3 . . . 
'ELECTRON CRYSTALLOGRAPHY' 1.2300 9.8600 1625 . 147 1478 94.0000 . . . 0.2460 0.0000 0.1842 . . . . . . . 3 . . . 
# 
_struct.entry_id                     7RVE 
_struct.title                        'Segment from the S170N mutant of the human prion protein 168-176 EYNNQNNFV' 
_struct.pdbx_model_details           ? 
_struct.pdbx_formula_weight          ? 
_struct.pdbx_formula_weight_method   ? 
_struct.pdbx_model_type_details      ? 
_struct.pdbx_CASP_flag               N 
# 
_struct_keywords.entry_id        7RVE 
_struct_keywords.text            'amyloid, prion, fibril, human prion, PROTEIN FIBRIL' 
_struct_keywords.pdbx_keywords   'PROTEIN FIBRIL' 
# 
loop_
_struct_asym.id 
_struct_asym.pdbx_blank_PDB_chainid_flag 
_struct_asym.pdbx_modified 
_struct_asym.entity_id 
_struct_asym.details 
A N N 1 ? 
B N N 2 ? 
# 
_struct_ref.id                         1 
_struct_ref.db_name                    UNP 
_struct_ref.db_code                    PRIO_HUMAN 
_struct_ref.pdbx_db_accession          P04156 
_struct_ref.pdbx_db_isoform            ? 
_struct_ref.entity_id                  1 
_struct_ref.pdbx_seq_one_letter_code   EYSNQNNFV 
_struct_ref.pdbx_align_begin           168 
# 
_struct_ref_seq.align_id                      1 
_struct_ref_seq.ref_id                        1 
_struct_ref_seq.pdbx_PDB_id_code              7RVE 
_struct_ref_seq.pdbx_strand_id                A 
_struct_ref_seq.seq_align_beg                 1 
_struct_ref_seq.pdbx_seq_align_beg_ins_code   ? 
_struct_ref_seq.seq_align_end                 9 
_struct_ref_seq.pdbx_seq_align_end_ins_code   ? 
_struct_ref_seq.pdbx_db_accession             P04156 
_struct_ref_seq.db_align_beg                  168 
_struct_ref_seq.pdbx_db_align_beg_ins_code    ? 
_struct_ref_seq.db_align_end                  176 
_struct_ref_seq.pdbx_db_align_end_ins_code    ? 
_struct_ref_seq.pdbx_auth_seq_align_beg       168 
_struct_ref_seq.pdbx_auth_seq_align_end       176 
# 
_struct_ref_seq_dif.align_id                     1 
_struct_ref_seq_dif.pdbx_pdb_id_code             7RVE 
_struct_ref_seq_dif.mon_id                       ASN 
_struct_ref_seq_dif.pdbx_pdb_strand_id           A 
_struct_ref_seq_dif.seq_num                      3 
_struct_ref_seq_dif.pdbx_pdb_ins_code            ? 
_struct_ref_seq_dif.pdbx_seq_db_name             UNP 
_struct_ref_seq_dif.pdbx_seq_db_accession_code   P04156 
_struct_ref_seq_dif.db_mon_id                    SER 
_struct_ref_seq_dif.pdbx_seq_db_seq_num          170 
_struct_ref_seq_dif.details                      'engineered mutation' 
_struct_ref_seq_dif.pdbx_auth_seq_num            170 
_struct_ref_seq_dif.pdbx_ordinal                 1 
# 
_pdbx_struct_assembly.id                   1 
_pdbx_struct_assembly.details              author_defined_assembly 
_pdbx_struct_assembly.method_details       ? 
_pdbx_struct_assembly.oligomeric_details   monomeric 
_pdbx_struct_assembly.oligomeric_count     1 
# 
loop_
_pdbx_struct_assembly_prop.biol_id 
_pdbx_struct_assembly_prop.type 
_pdbx_struct_assembly_prop.value 
_pdbx_struct_assembly_prop.details 
1 'ABSA (A^2)' 0    ? 
1 MORE         0    ? 
1 'SSA (A^2)'  1390 ? 
# 
_pdbx_struct_assembly_gen.assembly_id       1 
_pdbx_struct_assembly_gen.oper_expression   1 
_pdbx_struct_assembly_gen.asym_id_list      A,B 
# 
_pdbx_struct_assembly_auth_evidence.id                     1 
_pdbx_struct_assembly_auth_evidence.assembly_id            1 
_pdbx_struct_assembly_auth_evidence.experimental_support   'electron microscopy' 
_pdbx_struct_assembly_auth_evidence.details                ? 
# 
_pdbx_struct_oper_list.id                   1 
_pdbx_struct_oper_list.type                 'identity operation' 
_pdbx_struct_oper_list.name                 1_555 
_pdbx_struct_oper_list.symmetry_operation   x,y,z 
_pdbx_struct_oper_list.matrix[1][1]         1.0000000000 
_pdbx_struct_oper_list.matrix[1][2]         0.0000000000 
_pdbx_struct_oper_list.matrix[1][3]         0.0000000000 
_pdbx_struct_oper_list.vector[1]            0.0000000000 
_pdbx_struct_oper_list.matrix[2][1]         0.0000000000 
_pdbx_struct_oper_list.matrix[2][2]         1.0000000000 
_pdbx_struct_oper_list.matrix[2][3]         0.0000000000 
_pdbx_struct_oper_list.vector[2]            0.0000000000 
_pdbx_struct_oper_list.matrix[3][1]         0.0000000000 
_pdbx_struct_oper_list.matrix[3][2]         0.0000000000 
_pdbx_struct_oper_list.matrix[3][3]         1.0000000000 
_pdbx_struct_oper_list.vector[3]            0.0000000000 
# 
_em_3d_reconstruction.entry_id                    7RVE 
_em_3d_reconstruction.id                          1 
_em_3d_reconstruction.algorithm                   ? 
_em_3d_reconstruction.details                     ? 
_em_3d_reconstruction.refinement_type             ? 
_em_3d_reconstruction.image_processing_id         1 
_em_3d_reconstruction.num_class_averages          ? 
_em_3d_reconstruction.num_particles               ? 
_em_3d_reconstruction.resolution                  0.8500 
_em_3d_reconstruction.resolution_method           'DIFFRACTION PATTERN/LAYERLINES' 
_em_3d_reconstruction.symmetry_type               '3D CRYSTAL' 
_em_3d_reconstruction.method                      ? 
_em_3d_reconstruction.nominal_pixel_size          ? 
_em_3d_reconstruction.actual_pixel_size           ? 
_em_3d_reconstruction.magnification_calibration   ? 
# 
_em_entity_assembly.details              ? 
_em_entity_assembly.entity_id_list       1 
_em_entity_assembly.id                   1 
_em_entity_assembly.name                 'Major prion protein' 
_em_entity_assembly.oligomeric_details   ? 
_em_entity_assembly.parent_id            0 
_em_entity_assembly.source               NATURAL 
_em_entity_assembly.synonym              ? 
_em_entity_assembly.type                 COMPLEX 
# 
_em_imaging.id                              1 
_em_imaging.entry_id                        7RVE 
_em_imaging.accelerating_voltage            300 
_em_imaging.alignment_procedure             . 
_em_imaging.c2_aperture_diameter            . 
_em_imaging.calibrated_defocus_max          ? 
_em_imaging.calibrated_defocus_min          ? 
_em_imaging.calibrated_magnification        ? 
_em_imaging.cryogen                         NITROGEN 
_em_imaging.details                         ? 
_em_imaging.electron_source                 'FIELD EMISSION GUN' 
_em_imaging.illumination_mode               'FLOOD BEAM' 
_em_imaging.microscope_model                'FEI TECNAI F30' 
_em_imaging.mode                            DIFFRACTION 
_em_imaging.nominal_cs                      ? 
_em_imaging.nominal_defocus_max             ? 
_em_imaging.nominal_defocus_min             ? 
_em_imaging.nominal_magnification           ? 
_em_imaging.recording_temperature_maximum   ? 
_em_imaging.recording_temperature_minimum   ? 
_em_imaging.residual_tilt                   ? 
_em_imaging.specimen_holder_model           . 
_em_imaging.specimen_id                     1 
_em_imaging.citation_id                     ? 
_em_imaging.date                            ? 
_em_imaging.temperature                     ? 
_em_imaging.tilt_angle_min                  ? 
_em_imaging.tilt_angle_max                  ? 
_em_imaging.astigmatism                     ? 
_em_imaging.detector_distance               ? 
_em_imaging.electron_beam_tilt_params       ? 
_em_imaging.specimen_holder_type            ? 
# 
_em_experiment.entry_id                7RVE 
_em_experiment.id                      1 
_em_experiment.aggregation_state       '3D ARRAY' 
_em_experiment.reconstruction_method   CRYSTALLOGRAPHY 
_em_experiment.entity_assembly_id      1 
# 
loop_
_chem_comp_atom.comp_id 
_chem_comp_atom.atom_id 
_chem_comp_atom.type_symbol 
_chem_comp_atom.pdbx_aromatic_flag 
_chem_comp_atom.pdbx_stereo_config 
_chem_comp_atom.pdbx_ordinal 
ASN N    N N N 1   
ASN CA   C N S 2   
ASN C    C N N 3   
ASN O    O N N 4   
ASN CB   C N N 5   
ASN CG   C N N 6   
ASN OD1  O N N 7   
ASN ND2  N N N 8   
ASN OXT  O N N 9   
ASN H    H N N 10  
ASN H2   H N N 11  
ASN HA   H N N 12  
ASN HB2  H N N 13  
ASN HB3  H N N 14  
ASN HD21 H N N 15  
ASN HD22 H N N 16  
ASN HXT  H N N 17  
GLN N    N N N 18  
GLN CA   C N S 19  
GLN C    C N N 20  
GLN O    O N N 21  
GLN CB   C N N 22  
GLN CG   C N N 23  
GLN CD   C N N 24  
GLN OE1  O N N 25  
GLN NE2  N N N 26  
GLN OXT  O N N 27  
GLN H    H N N 28  
GLN H2   H N N 29  
GLN HA   H N N 30  
GLN HB2  H N N 31  
GLN HB3  H N N 32  
GLN HG2  H N N 33  
GLN HG3  H N N 34  
GLN HE21 H N N 35  
GLN HE22 H N N 36  
GLN HXT  H N N 37  
GLU N    N N N 38  
GLU CA   C N S 39  
GLU C    C N N 40  
GLU O    O N N 41  
GLU CB   C N N 42  
GLU CG   C N N 43  
GLU CD   C N N 44  
GLU OE1  O N N 45  
GLU OE2  O N N 46  
GLU OXT  O N N 47  
GLU H    H N N 48  
GLU H2   H N N 49  
GLU HA   H N N 50  
GLU HB2  H N N 51  
GLU HB3  H N N 52  
GLU HG2  H N N 53  
GLU HG3  H N N 54  
GLU HE2  H N N 55  
GLU HXT  H N N 56  
HOH O    O N N 57  
HOH H1   H N N 58  
HOH H2   H N N 59  
PHE N    N N N 60  
PHE CA   C N S 61  
PHE C    C N N 62  
PHE O    O N N 63  
PHE CB   C N N 64  
PHE CG   C Y N 65  
PHE CD1  C Y N 66  
PHE CD2  C Y N 67  
PHE CE1  C Y N 68  
PHE CE2  C Y N 69  
PHE CZ   C Y N 70  
PHE OXT  O N N 71  
PHE H    H N N 72  
PHE H2   H N N 73  
PHE HA   H N N 74  
PHE HB2  H N N 75  
PHE HB3  H N N 76  
PHE HD1  H N N 77  
PHE HD2  H N N 78  
PHE HE1  H N N 79  
PHE HE2  H N N 80  
PHE HZ   H N N 81  
PHE HXT  H N N 82  
SER N    N N N 83  
SER CA   C N S 84  
SER C    C N N 85  
SER O    O N N 86  
SER CB   C N N 87  
SER OG   O N N 88  
SER OXT  O N N 89  
SER H    H N N 90  
SER H2   H N N 91  
SER HA   H N N 92  
SER HB2  H N N 93  
SER HB3  H N N 94  
SER HG   H N N 95  
SER HXT  H N N 96  
TYR N    N N N 97  
TYR CA   C N S 98  
TYR C    C N N 99  
TYR O    O N N 100 
TYR CB   C N N 101 
TYR CG   C Y N 102 
TYR CD1  C Y N 103 
TYR CD2  C Y N 104 
TYR CE1  C Y N 105 
TYR CE2  C Y N 106 
TYR CZ   C Y N 107 
TYR OH   O N N 108 
TYR OXT  O N N 109 
TYR H    H N N 110 
TYR H2   H N N 111 
TYR HA   H N N 112 
TYR HB2  H N N 113 
TYR HB3  H N N 114 
TYR HD1  H N N 115 
TYR HD2  H N N 116 
TYR HE1  H N N 117 
TYR HE2  H N N 118 
TYR HH   H N N 119 
TYR HXT  H N N 120 
VAL N    N N N 121 
VAL CA   C N S 122 
VAL C    C N N 123 
VAL O    O N N 124 
VAL CB   C N N 125 
VAL CG1  C N N 126 
VAL CG2  C N N 127 
VAL OXT  O N N 128 
VAL H    H N N 129 
VAL H2   H N N 130 
VAL HA   H N N 131 
VAL HB   H N N 132 
VAL HG11 H N N 133 
VAL HG12 H N N 134 
VAL HG13 H N N 135 
VAL HG21 H N N 136 
VAL HG22 H N N 137 
VAL HG23 H N N 138 
VAL HXT  H N N 139 
# 
loop_
_chem_comp_bond.comp_id 
_chem_comp_bond.atom_id_1 
_chem_comp_bond.atom_id_2 
_chem_comp_bond.value_order 
_chem_comp_bond.pdbx_aromatic_flag 
_chem_comp_bond.pdbx_stereo_config 
_chem_comp_bond.pdbx_ordinal 
ASN N   CA   sing N N 1   
ASN N   H    sing N N 2   
ASN N   H2   sing N N 3   
ASN CA  C    sing N N 4   
ASN CA  CB   sing N N 5   
ASN CA  HA   sing N N 6   
ASN C   O    doub N N 7   
ASN C   OXT  sing N N 8   
ASN CB  CG   sing N N 9   
ASN CB  HB2  sing N N 10  
ASN CB  HB3  sing N N 11  
ASN CG  OD1  doub N N 12  
ASN CG  ND2  sing N N 13  
ASN ND2 HD21 sing N N 14  
ASN ND2 HD22 sing N N 15  
ASN OXT HXT  sing N N 16  
GLN N   CA   sing N N 17  
GLN N   H    sing N N 18  
GLN N   H2   sing N N 19  
GLN CA  C    sing N N 20  
GLN CA  CB   sing N N 21  
GLN CA  HA   sing N N 22  
GLN C   O    doub N N 23  
GLN C   OXT  sing N N 24  
GLN CB  CG   sing N N 25  
GLN CB  HB2  sing N N 26  
GLN CB  HB3  sing N N 27  
GLN CG  CD   sing N N 28  
GLN CG  HG2  sing N N 29  
GLN CG  HG3  sing N N 30  
GLN CD  OE1  doub N N 31  
GLN CD  NE2  sing N N 32  
GLN NE2 HE21 sing N N 33  
GLN NE2 HE22 sing N N 34  
GLN OXT HXT  sing N N 35  
GLU N   CA   sing N N 36  
GLU N   H    sing N N 37  
GLU N   H2   sing N N 38  
GLU CA  C    sing N N 39  
GLU CA  CB   sing N N 40  
GLU CA  HA   sing N N 41  
GLU C   O    doub N N 42  
GLU C   OXT  sing N N 43  
GLU CB  CG   sing N N 44  
GLU CB  HB2  sing N N 45  
GLU CB  HB3  sing N N 46  
GLU CG  CD   sing N N 47  
GLU CG  HG2  sing N N 48  
GLU CG  HG3  sing N N 49  
GLU CD  OE1  doub N N 50  
GLU CD  OE2  sing N N 51  
GLU OE2 HE2  sing N N 52  
GLU OXT HXT  sing N N 53  
HOH O   H1   sing N N 54  
HOH O   H2   sing N N 55  
PHE N   CA   sing N N 56  
PHE N   H    sing N N 57  
PHE N   H2   sing N N 58  
PHE CA  C    sing N N 59  
PHE CA  CB   sing N N 60  
PHE CA  HA   sing N N 61  
PHE C   O    doub N N 62  
PHE C   OXT  sing N N 63  
PHE CB  CG   sing N N 64  
PHE CB  HB2  sing N N 65  
PHE CB  HB3  sing N N 66  
PHE CG  CD1  doub Y N 67  
PHE CG  CD2  sing Y N 68  
PHE CD1 CE1  sing Y N 69  
PHE CD1 HD1  sing N N 70  
PHE CD2 CE2  doub Y N 71  
PHE CD2 HD2  sing N N 72  
PHE CE1 CZ   doub Y N 73  
PHE CE1 HE1  sing N N 74  
PHE CE2 CZ   sing Y N 75  
PHE CE2 HE2  sing N N 76  
PHE CZ  HZ   sing N N 77  
PHE OXT HXT  sing N N 78  
SER N   CA   sing N N 79  
SER N   H    sing N N 80  
SER N   H2   sing N N 81  
SER CA  C    sing N N 82  
SER CA  CB   sing N N 83  
SER CA  HA   sing N N 84  
SER C   O    doub N N 85  
SER C   OXT  sing N N 86  
SER CB  OG   sing N N 87  
SER CB  HB2  sing N N 88  
SER CB  HB3  sing N N 89  
SER OG  HG   sing N N 90  
SER OXT HXT  sing N N 91  
TYR N   CA   sing N N 92  
TYR N   H    sing N N 93  
TYR N   H2   sing N N 94  
TYR CA  C    sing N N 95  
TYR CA  CB   sing N N 96  
TYR CA  HA   sing N N 97  
TYR C   O    doub N N 98  
TYR C   OXT  sing N N 99  
TYR CB  CG   sing N N 100 
TYR CB  HB2  sing N N 101 
TYR CB  HB3  sing N N 102 
TYR CG  CD1  doub Y N 103 
TYR CG  CD2  sing Y N 104 
TYR CD1 CE1  sing Y N 105 
TYR CD1 HD1  sing N N 106 
TYR CD2 CE2  doub Y N 107 
TYR CD2 HD2  sing N N 108 
TYR CE1 CZ   doub Y N 109 
TYR CE1 HE1  sing N N 110 
TYR CE2 CZ   sing Y N 111 
TYR CE2 HE2  sing N N 112 
TYR CZ  OH   sing N N 113 
TYR OH  HH   sing N N 114 
TYR OXT HXT  sing N N 115 
VAL N   CA   sing N N 116 
VAL N   H    sing N N 117 
VAL N   H2   sing N N 118 
VAL CA  C    sing N N 119 
VAL CA  CB   sing N N 120 
VAL CA  HA   sing N N 121 
VAL C   O    doub N N 122 
VAL C   OXT  sing N N 123 
VAL CB  CG1  sing N N 124 
VAL CB  CG2  sing N N 125 
VAL CB  HB   sing N N 126 
VAL CG1 HG11 sing N N 127 
VAL CG1 HG12 sing N N 128 
VAL CG1 HG13 sing N N 129 
VAL CG2 HG21 sing N N 130 
VAL CG2 HG22 sing N N 131 
VAL CG2 HG23 sing N N 132 
VAL OXT HXT  sing N N 133 
# 
_em_3d_crystal_entity.id                    1 
_em_3d_crystal_entity.image_processing_id   1 
_em_3d_crystal_entity.angle_alpha           94.130 
_em_3d_crystal_entity.angle_beta            90.590 
_em_3d_crystal_entity.angle_gamma           102.740 
_em_3d_crystal_entity.length_a              4.930 
_em_3d_crystal_entity.length_b              10.140 
_em_3d_crystal_entity.length_c              31.560 
_em_3d_crystal_entity.space_group_name      'P 21 21 21' 
_em_3d_crystal_entity.space_group_num       19 
# 
_em_diffraction.id                1 
_em_diffraction.camera_length     1 
_em_diffraction.imaging_id        1 
_em_diffraction.tilt_angle_list   ? 
# 
_em_entity_assembly_naturalsource.cell                 ? 
_em_entity_assembly_naturalsource.cellular_location    ? 
_em_entity_assembly_naturalsource.entity_assembly_id   1 
_em_entity_assembly_naturalsource.id                   1 
_em_entity_assembly_naturalsource.ncbi_tax_id          9606 
_em_entity_assembly_naturalsource.organ                ? 
_em_entity_assembly_naturalsource.organelle            ? 
_em_entity_assembly_naturalsource.organism             'Homo sapiens' 
_em_entity_assembly_naturalsource.strain               ? 
_em_entity_assembly_naturalsource.tissue               ? 
# 
_em_image_processing.id                   1 
_em_image_processing.image_recording_id   1 
_em_image_processing.details              ? 
# 
_em_image_recording.id                            1 
_em_image_recording.imaging_id                    1 
_em_image_recording.avg_electron_dose_per_image   . 
_em_image_recording.average_exposure_time         . 
_em_image_recording.details                       ? 
_em_image_recording.detector_mode                 ? 
_em_image_recording.film_or_detector_model        'TVIPS TEMCAM-F416 (4k x 4k)' 
_em_image_recording.num_diffraction_images        . 
_em_image_recording.num_grids_imaged              1 
_em_image_recording.num_real_images               1 
# 
_em_specimen.id                      1 
_em_specimen.experiment_id           1 
_em_specimen.concentration           ? 
_em_specimen.details                 ? 
_em_specimen.embedding_applied       NO 
_em_specimen.shadowing_applied       NO 
_em_specimen.staining_applied        NO 
_em_specimen.vitrification_applied   NO 
# 
_pdbx_audit_support.funding_organization   
'National Institutes of Health/National Institute of General Medical Sciences (NIH/NIGMS)' 
_pdbx_audit_support.country                'United States' 
_pdbx_audit_support.grant_number           R35GM128867 
_pdbx_audit_support.ordinal                1 
# 
_atom_sites.entry_id                    7RVE 
_atom_sites.Cartn_transf_matrix[1][1]   ? 
_atom_sites.Cartn_transf_matrix[1][2]   ? 
_atom_sites.Cartn_transf_matrix[1][3]   ? 
_atom_sites.Cartn_transf_matrix[2][1]   ? 
_atom_sites.Cartn_transf_matrix[2][2]   ? 
_atom_sites.Cartn_transf_matrix[2][3]   ? 
_atom_sites.Cartn_transf_matrix[3][1]   ? 
_atom_sites.Cartn_transf_matrix[3][2]   ? 
_atom_sites.Cartn_transf_matrix[3][3]   ? 
_atom_sites.Cartn_transf_vector[1]      ? 
_atom_sites.Cartn_transf_vector[2]      ? 
_atom_sites.Cartn_transf_vector[3]      ? 
_atom_sites.fract_transf_matrix[1][1]   0.13485386 
_atom_sites.fract_transf_matrix[1][2]   0.13001542 
_atom_sites.fract_transf_matrix[1][3]   0.09049344 
_atom_sites.fract_transf_matrix[2][1]   0.08908575 
_atom_sites.fract_transf_matrix[2][2]   -0.02985176 
_atom_sites.fract_transf_matrix[2][3]   -0.03814828 
_atom_sites.fract_transf_matrix[3][1]   -0.00120066 
_atom_sites.fract_transf_matrix[3][2]   0.01986122 
_atom_sites.fract_transf_matrix[3][3]   -0.02478021 
_atom_sites.fract_transf_vector[1]      0.162558 
_atom_sites.fract_transf_vector[2]      0.770926 
_atom_sites.fract_transf_vector[3]      -0.073666 
_atom_sites.solution_primary            ? 
_atom_sites.solution_secondary          ? 
_atom_sites.solution_hydrogens          ? 
_atom_sites.special_details             ? 
# 
loop_
_atom_type.symbol 
C 
H 
N 
O 
# 
loop_
_atom_site.group_PDB 
_atom_site.id 
_atom_site.type_symbol 
_atom_site.label_atom_id 
_atom_site.label_alt_id 
_atom_site.label_comp_id 
_atom_site.label_asym_id 
_atom_site.label_entity_id 
_atom_site.label_seq_id 
_atom_site.pdbx_PDB_ins_code 
_atom_site.Cartn_x 
_atom_site.Cartn_y 
_atom_site.Cartn_z 
_atom_site.occupancy 
_atom_site.B_iso_or_equiv 
_atom_site.pdbx_formal_charge 
_atom_site.auth_seq_id 
_atom_site.auth_comp_id 
_atom_site.auth_asym_id 
_atom_site.auth_atom_id 
_atom_site.pdbx_PDB_model_num 
ATOM   1   N N    . GLU A 1 1 ? -3.793 -7.320 12.332  1.00 15.67  ? 168 GLU A N    1 
ATOM   2   C CA   . GLU A 1 1 ? -2.714 -6.750 11.537  1.00 16.67  ? 168 GLU A CA   1 
ATOM   3   C C    . GLU A 1 1 ? -3.225 -6.258 10.173  1.00 8.82   ? 168 GLU A C    1 
ATOM   4   O O    . GLU A 1 1 ? -3.799 -7.030 9.407   1.00 13.59  ? 168 GLU A O    1 
ATOM   5   C CB   . GLU A 1 1 ? -1.618 -7.800 11.366  1.00 23.53  ? 168 GLU A CB   1 
ATOM   6   C CG   . GLU A 1 1 ? -0.305 -7.279 10.846  1.00 22.14  ? 168 GLU A CG   1 
ATOM   7   C CD   . GLU A 1 1 ? 0.825  -8.255 11.090  1.00 32.41  ? 168 GLU A CD   1 
ATOM   8   O OE1  . GLU A 1 1 ? 1.113  -9.073 10.196  1.00 37.07  ? 168 GLU A OE1  1 
ATOM   9   O OE2  . GLU A 1 1 ? 1.425  -8.209 12.182  1.00 47.75  ? 168 GLU A OE2  1 
ATOM   10  H H1   . GLU A 1 1 ? -3.555 -7.546 13.125  1.00 5.71   ? 168 GLU A H1   1 
ATOM   11  H H2   . GLU A 1 1 ? -3.935 -8.233 12.070  1.00 8.44   ? 168 GLU A H2   1 
ATOM   12  H H3   . GLU A 1 1 ? -4.598 -6.818 12.185  1.00 85.34  ? 168 GLU A H3   1 
ATOM   13  H HA   . GLU A 1 1 ? -2.333 -5.992 12.009  1.00 8.30   ? 168 GLU A HA   1 
ATOM   14  H HB2  . GLU A 1 1 ? -1.446 -8.203 12.232  1.00 60.40  ? 168 GLU A HB2  1 
ATOM   15  H HB3  . GLU A 1 1 ? -1.931 -8.478 10.747  1.00 95.29  ? 168 GLU A HB3  1 
ATOM   16  H HG2  . GLU A 1 1 ? -0.376 -7.132 9.890   1.00 135.71 ? 168 GLU A HG2  1 
ATOM   17  H HG3  . GLU A 1 1 ? -0.093 -6.446 11.297  1.00 77.84  ? 168 GLU A HG3  1 
ATOM   18  N N    . TYR A 1 2 ? -2.995 -4.967 9.895   1.00 6.23   ? 169 TYR A N    1 
ATOM   19  C CA   . TYR A 1 2 ? -3.391 -4.272 8.662   1.00 3.89   ? 169 TYR A CA   1 
ATOM   20  C C    . TYR A 1 2 ? -2.128 -3.864 7.903   1.00 4.83   ? 169 TYR A C    1 
ATOM   21  O O    . TYR A 1 2 ? -1.326 -3.076 8.415   1.00 6.34   ? 169 TYR A O    1 
ATOM   22  C CB   . TYR A 1 2 ? -4.240 -3.038 9.033   1.00 6.20   ? 169 TYR A CB   1 
ATOM   23  C CG   . TYR A 1 2 ? -4.796 -2.124 7.897   1.00 6.00   ? 169 TYR A CG   1 
ATOM   24  C CD1  . TYR A 1 2 ? -4.018 -1.099 7.358   1.00 5.03   ? 169 TYR A CD1  1 
ATOM   25  C CD2  . TYR A 1 2 ? -6.126 -2.241 7.442   1.00 4.43   ? 169 TYR A CD2  1 
ATOM   26  C CE1  . TYR A 1 2 ? -4.515 -0.247 6.356   1.00 5.87   ? 169 TYR A CE1  1 
ATOM   27  C CE2  . TYR A 1 2 ? -6.630 -1.392 6.455   1.00 4.73   ? 169 TYR A CE2  1 
ATOM   28  C CZ   . TYR A 1 2 ? -5.832 -0.381 5.927   1.00 4.53   ? 169 TYR A CZ   1 
ATOM   29  O OH   . TYR A 1 2 ? -6.291 0.484  4.955   1.00 6.70   ? 169 TYR A OH   1 
ATOM   30  H H    . TYR A 1 2 ? -2.595 -4.443 10.449  1.00 27.43  ? 169 TYR A H    1 
ATOM   31  H HA   . TYR A 1 2 ? -3.918 -4.862 8.101   1.00 4.55   ? 169 TYR A HA   1 
ATOM   32  H HB2  . TYR A 1 2 ? -5.002 -3.357 9.543   1.00 4.11   ? 169 TYR A HB2  1 
ATOM   33  H HB3  . TYR A 1 2 ? -3.702 -2.472 9.607   1.00 6.43   ? 169 TYR A HB3  1 
ATOM   34  H HD1  . TYR A 1 2 ? -3.142 -0.993 7.649   1.00 107.11 ? 169 TYR A HD1  1 
ATOM   35  H HD2  . TYR A 1 2 ? -6.675 -2.903 7.793   1.00 10.30  ? 169 TYR A HD2  1 
ATOM   36  H HE1  . TYR A 1 2 ? -3.980 0.428  6.007   1.00 8.02   ? 169 TYR A HE1  1 
ATOM   37  H HE2  . TYR A 1 2 ? -7.511 -1.493 6.168   1.00 3.78   ? 169 TYR A HE2  1 
ATOM   38  H HH   . TYR A 1 2 ? -7.125 0.417  4.877   1.00 5.31   ? 169 TYR A HH   1 
ATOM   39  N N    . ASN A 1 3 ? -1.943 -4.417 6.697   1.00 4.08   ? 170 ASN A N    1 
ATOM   40  C CA   . ASN A 1 3 ? -0.765 -4.182 5.856   1.00 4.69   ? 170 ASN A CA   1 
ATOM   41  C C    . ASN A 1 3 ? -1.209 -3.582 4.512   1.00 4.70   ? 170 ASN A C    1 
ATOM   42  O O    . ASN A 1 3 ? -2.015 -4.196 3.809   1.00 5.80   ? 170 ASN A O    1 
ATOM   43  C CB   . ASN A 1 3 ? -0.023 -5.509 5.633   1.00 4.84   ? 170 ASN A CB   1 
ATOM   44  C CG   . ASN A 1 3 ? 0.438  -6.160 6.931   1.00 6.65   ? 170 ASN A CG   1 
ATOM   45  O OD1  . ASN A 1 3 ? 1.191  -5.559 7.703   1.00 8.39   ? 170 ASN A OD1  1 
ATOM   46  N ND2  . ASN A 1 3 ? -0.003 -7.392 7.173   1.00 9.92   ? 170 ASN A ND2  1 
ATOM   47  H H    . ASN A 1 3 ? -2.511 -4.963 6.347   1.00 1.66   ? 170 ASN A H    1 
ATOM   48  H HA   . ASN A 1 3 ? -0.165 -3.558 6.294   1.00 65.94  ? 170 ASN A HA   1 
ATOM   49  H HB2  . ASN A 1 3 ? -0.613 -6.131 5.179   1.00 4.36   ? 170 ASN A HB2  1 
ATOM   50  H HB3  . ASN A 1 3 ? 0.761  -5.339 5.090   1.00 63.72  ? 170 ASN A HB3  1 
ATOM   51  H HD21 . ASN A 1 3 ? 0.232  -7.796 7.894   1.00 5.71   ? 170 ASN A HD21 1 
ATOM   52  H HD22 . ASN A 1 3 ? -0.527 -7.781 6.613   1.00 37.59  ? 170 ASN A HD22 1 
ATOM   53  N N    . ASN A 1 4 ? -0.680 -2.394 4.153   1.00 3.24   ? 171 ASN A N    1 
ATOM   54  C CA   . ASN A 1 4 ? -1.120 -1.620 2.983   1.00 2.31   ? 171 ASN A CA   1 
ATOM   55  C C    . ASN A 1 4 ? 0.057  -0.954 2.267   1.00 2.80   ? 171 ASN A C    1 
ATOM   56  O O    . ASN A 1 4 ? 0.925  -0.374 2.924   1.00 4.48   ? 171 ASN A O    1 
ATOM   57  C CB   . ASN A 1 4 ? -2.146 -0.547 3.441   1.00 4.18   ? 171 ASN A CB   1 
ATOM   58  C CG   . ASN A 1 4 ? -2.722 0.294  2.267   1.00 5.76   ? 171 ASN A CG   1 
ATOM   59  O OD1  . ASN A 1 4 ? -3.254 -0.263 1.305   1.00 4.06   ? 171 ASN A OD1  1 
ATOM   60  N ND2  . ASN A 1 4 ? -2.684 1.634  2.391   1.00 4.73   ? 171 ASN A ND2  1 
ATOM   61  H H    . ASN A 1 4 ? -0.041 -2.014 4.584   1.00 54.64  ? 171 ASN A H    1 
ATOM   62  H HA   . ASN A 1 4 ? -1.573 -2.204 2.353   1.00 7.97   ? 171 ASN A HA   1 
ATOM   63  H HB2  . ASN A 1 4 ? -2.885 -0.984 3.890   1.00 6.79   ? 171 ASN A HB2  1 
ATOM   64  H HB3  . ASN A 1 4 ? -1.705 0.064  4.053   1.00 60.45  ? 171 ASN A HB3  1 
ATOM   65  H HD21 . ASN A 1 4 ? -2.316 1.993  3.079   1.00 29.86  ? 171 ASN A HD21 1 
ATOM   66  H HD22 . ASN A 1 4 ? -2.993 2.133  1.760   1.00 6.21   ? 171 ASN A HD22 1 
ATOM   67  N N    . GLN A 1 5 ? 0.071  -1.018 0.922   1.00 2.80   ? 172 GLN A N    1 
ATOM   68  C CA   . GLN A 1 5 ? 1.092  -0.332 0.118   1.00 4.11   ? 172 GLN A CA   1 
ATOM   69  C C    . GLN A 1 5 ? 0.543  -0.043 -1.280  1.00 3.24   ? 172 GLN A C    1 
ATOM   70  O O    . GLN A 1 5 ? -0.064 -0.923 -1.895  1.00 2.85   ? 172 GLN A O    1 
ATOM   71  C CB   . GLN A 1 5 ? 2.384  -1.175 0.025   1.00 2.33   ? 172 GLN A CB   1 
ATOM   72  C CG   . GLN A 1 5 ? 3.663  -0.377 -0.340  1.00 4.03   ? 172 GLN A CG   1 
ATOM   73  C CD   . GLN A 1 5 ? 3.782  -0.013 -1.818  1.00 3.14   ? 172 GLN A CD   1 
ATOM   74  O OE1  . GLN A 1 5 ? 3.404  -0.786 -2.680  1.00 3.80   ? 172 GLN A OE1  1 
ATOM   75  N NE2  . GLN A 1 5 ? 4.342  1.150  -2.100  1.00 5.48   ? 172 GLN A NE2  1 
ATOM   76  H H    . GLN A 1 5 ? -0.499 -1.463 0.458   1.00 27.28  ? 172 GLN A H    1 
ATOM   77  H HA   . GLN A 1 5 ? 1.316  0.503  0.547   1.00 4.02   ? 172 GLN A HA   1 
ATOM   78  H HB2  . GLN A 1 5 ? 2.540  -1.592 0.887   1.00 52.36  ? 172 GLN A HB2  1 
ATOM   79  H HB3  . GLN A 1 5 ? 2.260  -1.861 -0.648  1.00 130.44 ? 172 GLN A HB3  1 
ATOM   80  H HG2  . GLN A 1 5 ? 3.689  0.440  0.178   1.00 69.67  ? 172 GLN A HG2  1 
ATOM   81  H HG3  . GLN A 1 5 ? 4.438  -0.924 -0.137  1.00 2.44   ? 172 GLN A HG3  1 
ATOM   82  H HE21 . GLN A 1 5 ? 4.431  1.398  -2.919  1.00 41.68  ? 172 GLN A HE21 1 
ATOM   83  H HE22 . GLN A 1 5 ? 4.604  1.666  -1.463  1.00 95.24  ? 172 GLN A HE22 1 
ATOM   84  N N    . ASN A 1 6 ? 0.766  1.180  -1.802  1.00 3.80   ? 173 ASN A N    1 
ATOM   85  C CA   . ASN A 1 6 ? 0.285  1.578  -3.131  1.00 2.49   ? 173 ASN A CA   1 
ATOM   86  C C    . ASN A 1 6 ? 1.266  2.494  -3.868  1.00 3.15   ? 173 ASN A C    1 
ATOM   87  O O    . ASN A 1 6 ? 1.908  3.356  -3.256  1.00 3.04   ? 173 ASN A O    1 
ATOM   88  C CB   . ASN A 1 6 ? -1.110 2.248  -3.056  1.00 4.23   ? 173 ASN A CB   1 
ATOM   89  C CG   . ASN A 1 6 ? -2.138 1.387  -2.333  1.00 3.48   ? 173 ASN A CG   1 
ATOM   90  O OD1  . ASN A 1 6 ? -2.858 0.586  -2.934  1.00 3.28   ? 173 ASN A OD1  1 
ATOM   91  N ND2  . ASN A 1 6 ? -2.236 1.596  -1.030  1.00 3.11   ? 173 ASN A ND2  1 
ATOM   92  H H    . ASN A 1 6 ? 1.203  1.800  -1.398  1.00 109.74 ? 173 ASN A H    1 
ATOM   93  H HA   . ASN A 1 6 ? 0.183  0.772  -3.662  1.00 1.39   ? 173 ASN A HA   1 
ATOM   94  H HB2  . ASN A 1 6 ? -1.028 3.082  -2.568  1.00 75.82  ? 173 ASN A HB2  1 
ATOM   95  H HB3  . ASN A 1 6 ? -1.427 2.422  -3.955  1.00 4.57   ? 173 ASN A HB3  1 
ATOM   96  H HD21 . ASN A 1 6 ? -1.720 2.166  -0.641  1.00 0.93   ? 173 ASN A HD21 1 
ATOM   97  H HD22 . ASN A 1 6 ? -2.802 1.141  -0.567  1.00 13.92  ? 173 ASN A HD22 1 
ATOM   98  N N    . ASN A 1 7 ? 1.362  2.300  -5.203  1.00 3.90   ? 174 ASN A N    1 
ATOM   99  C CA   . ASN A 1 7 ? 2.277  3.043  -6.075  1.00 5.41   ? 174 ASN A CA   1 
ATOM   100 C C    . ASN A 1 7 ? 1.517  3.742  -7.208  1.00 2.27   ? 174 ASN A C    1 
ATOM   101 O O    . ASN A 1 7 ? 0.735  3.099  -7.911  1.00 4.79   ? 174 ASN A O    1 
ATOM   102 C CB   . ASN A 1 7 ? 3.314  2.094  -6.712  1.00 4.70   ? 174 ASN A CB   1 
ATOM   103 C CG   . ASN A 1 7 ? 4.265  1.461  -5.692  1.00 4.11   ? 174 ASN A CG   1 
ATOM   104 O OD1  . ASN A 1 7 ? 4.859  2.174  -4.883  1.00 3.34   ? 174 ASN A OD1  1 
ATOM   105 N ND2  . ASN A 1 7 ? 4.470  0.133  -5.783  1.00 3.96   ? 174 ASN A ND2  1 
ATOM   106 H H    . ASN A 1 7 ? 0.882  1.724  -5.628  1.00 2.66   ? 174 ASN A H    1 
ATOM   107 H HA   . ASN A 1 7 ? 2.750  3.715  -5.557  1.00 13.97  ? 174 ASN A HA   1 
ATOM   108 H HB2  . ASN A 1 7 ? 2.849  1.378  -7.172  1.00 93.50  ? 174 ASN A HB2  1 
ATOM   109 H HB3  . ASN A 1 7 ? 3.853  2.595  -7.340  1.00 12.30  ? 174 ASN A HB3  1 
ATOM   110 H HD21 . ASN A 1 7 ? 5.003  -0.260 -5.234  1.00 9.44   ? 174 ASN A HD21 1 
ATOM   111 H HD22 . ASN A 1 7 ? 4.049  -0.327 -6.373  1.00 48.82  ? 174 ASN A HD22 1 
ATOM   112 N N    . PHE A 1 8 ? 1.752  5.061  -7.389  1.00 4.12   ? 175 PHE A N    1 
ATOM   113 C CA   . PHE A 1 8 ? 1.126  5.878  -8.434  1.00 5.63   ? 175 PHE A CA   1 
ATOM   114 C C    . PHE A 1 8 ? 2.188  6.537  -9.309  1.00 5.75   ? 175 PHE A C    1 
ATOM   115 O O    . PHE A 1 8 ? 2.908  7.434  -8.858  1.00 7.78   ? 175 PHE A O    1 
ATOM   116 C CB   . PHE A 1 8 ? 0.222  6.949  -7.821  1.00 6.04   ? 175 PHE A CB   1 
ATOM   117 C CG   . PHE A 1 8 ? -0.860 6.398  -6.955  1.00 7.76   ? 175 PHE A CG   1 
ATOM   118 C CD1  . PHE A 1 8 ? -0.612 6.086  -5.628  1.00 8.23   ? 175 PHE A CD1  1 
ATOM   119 C CD2  . PHE A 1 8 ? -2.127 6.186  -7.465  1.00 9.69   ? 175 PHE A CD2  1 
ATOM   120 C CE1  . PHE A 1 8 ? -1.617 5.576  -4.826  1.00 12.87  ? 175 PHE A CE1  1 
ATOM   121 C CE2  . PHE A 1 8 ? -3.136 5.672  -6.667  1.00 9.97   ? 175 PHE A CE2  1 
ATOM   122 C CZ   . PHE A 1 8 ? -2.876 5.360  -5.351  1.00 12.84  ? 175 PHE A CZ   1 
ATOM   123 H H    . PHE A 1 8 ? 2.274  5.528  -6.884  1.00 2.42   ? 175 PHE A H    1 
ATOM   124 H HA   . PHE A 1 8 ? 0.580  5.307  -8.998  1.00 103.36 ? 175 PHE A HA   1 
ATOM   125 H HB2  . PHE A 1 8 ? 0.769  7.538  -7.279  1.00 8.33   ? 175 PHE A HB2  1 
ATOM   126 H HB3  . PHE A 1 8 ? -0.197 7.453  -8.534  1.00 12.51  ? 175 PHE A HB3  1 
ATOM   127 H HD1  . PHE A 1 8 ? 0.236  6.228  -5.275  1.00 13.23  ? 175 PHE A HD1  1 
ATOM   128 H HD2  . PHE A 1 8 ? -2.305 6.389  -8.356  1.00 5.10   ? 175 PHE A HD2  1 
ATOM   129 H HE1  . PHE A 1 8 ? -1.440 5.370  -3.935  1.00 4.12   ? 175 PHE A HE1  1 
ATOM   130 H HE2  . PHE A 1 8 ? -3.983 5.530  -7.024  1.00 7.39   ? 175 PHE A HE2  1 
ATOM   131 H HZ   . PHE A 1 8 ? -3.553 5.020  -4.812  1.00 99.60  ? 175 PHE A HZ   1 
ATOM   132 N N    . VAL A 1 9 ? 2.252  6.119  -10.567 1.00 9.88   ? 176 VAL A N    1 
ATOM   133 C CA   . VAL A 1 9 ? 3.212  6.658  -11.517 1.00 13.52  ? 176 VAL A CA   1 
ATOM   134 C C    . VAL A 1 9 ? 2.473  7.494  -12.553 1.00 33.19  ? 176 VAL A C    1 
ATOM   135 O O    . VAL A 1 9 ? 1.475  7.049  -13.122 1.00 32.76  ? 176 VAL A O    1 
ATOM   136 C CB   . VAL A 1 9 ? 4.017  5.528  -12.180 1.00 28.22  ? 176 VAL A CB   1 
ATOM   137 C CG1  . VAL A 1 9 ? 5.130  6.099  -13.031 1.00 34.12  ? 176 VAL A CG1  1 
ATOM   138 C CG2  . VAL A 1 9 ? 4.572  4.581  -11.117 1.00 33.58  ? 176 VAL A CG2  1 
ATOM   139 O OXT  . VAL A 1 9 ? 2.855  8.628  -12.844 1.00 37.35  ? 176 VAL A OXT  1 
ATOM   140 H H    . VAL A 1 9 ? 1.738  5.514  -10.900 1.00 39.41  ? 176 VAL A H    1 
ATOM   141 H HA   . VAL A 1 9 ? 3.834  7.239  -11.052 1.00 81.47  ? 176 VAL A HA   1 
ATOM   142 H HB   . VAL A 1 9 ? 3.430  5.016  -12.759 1.00 17.08  ? 176 VAL A HB   1 
ATOM   143 H HG11 . VAL A 1 9 ? 5.619  5.367  -13.439 1.00 137.08 ? 176 VAL A HG11 1 
ATOM   144 H HG12 . VAL A 1 9 ? 4.745  6.664  -13.720 1.00 35.59  ? 176 VAL A HG12 1 
ATOM   145 H HG13 . VAL A 1 9 ? 5.723  6.621  -12.468 1.00 151.53 ? 176 VAL A HG13 1 
ATOM   146 H HG21 . VAL A 1 9 ? 5.299  4.065  -11.499 1.00 76.13  ? 176 VAL A HG21 1 
ATOM   147 H HG22 . VAL A 1 9 ? 4.895  5.105  -10.368 1.00 60.03  ? 176 VAL A HG22 1 
ATOM   148 H HG23 . VAL A 1 9 ? 3.862  3.989  -10.821 1.00 62.72  ? 176 VAL A HG23 1 
HETATM 149 O O    . HOH B 2 . ? -1.025 7.018  -11.578 1.00 19.50  ? 201 HOH A O    1 
HETATM 150 O O    . HOH B 2 . ? -6.645 -6.864 10.876  1.00 25.04  ? 202 HOH A O    1 
# 
loop_
_atom_site_anisotrop.id 
_atom_site_anisotrop.type_symbol 
_atom_site_anisotrop.pdbx_label_atom_id 
_atom_site_anisotrop.pdbx_label_alt_id 
_atom_site_anisotrop.pdbx_label_comp_id 
_atom_site_anisotrop.pdbx_label_asym_id 
_atom_site_anisotrop.pdbx_label_seq_id 
_atom_site_anisotrop.pdbx_PDB_ins_code 
_atom_site_anisotrop.U[1][1] 
_atom_site_anisotrop.U[2][2] 
_atom_site_anisotrop.U[3][3] 
_atom_site_anisotrop.U[1][2] 
_atom_site_anisotrop.U[1][3] 
_atom_site_anisotrop.U[2][3] 
_atom_site_anisotrop.pdbx_auth_seq_id 
_atom_site_anisotrop.pdbx_auth_comp_id 
_atom_site_anisotrop.pdbx_auth_asym_id 
_atom_site_anisotrop.pdbx_auth_atom_id 
1   N N   . GLU A 1 ? 0.1366 0.3354 0.1233 0.0455  -0.0059 0.0536  168 GLU A N   
2   C CA  . GLU A 1 ? 0.2937 0.1580 0.1820 -0.0649 0.1165  -0.0602 168 GLU A CA  
3   C C   . GLU A 1 ? 0.1104 0.1389 0.0857 -0.0375 0.0155  0.0272  168 GLU A C   
4   O O   . GLU A 1 ? 0.2770 0.1273 0.1118 -0.0648 -0.0575 0.0175  168 GLU A O   
5   C CB  . GLU A 1 ? 0.3844 0.1733 0.3365 -0.1055 0.0309  0.0651  168 GLU A CB  
6   C CG  . GLU A 1 ? 0.1609 0.5365 0.1437 0.0131  -0.0130 0.0257  168 GLU A CG  
7   C CD  . GLU A 1 ? 0.4531 0.3534 0.4249 -0.0664 -0.2202 -0.0754 168 GLU A CD  
8   O OE1 . GLU A 1 ? 0.5527 0.3310 0.5250 -0.0237 0.0408  -0.1863 168 GLU A OE1 
9   O OE2 . GLU A 1 ? 0.6873 0.4262 0.7008 0.1586  -0.1302 -0.1444 168 GLU A OE2 
18  N N   . TYR A 2 ? 0.1316 0.0451 0.0600 0.0086  0.0218  0.0158  169 TYR A N   
19  C CA  . TYR A 2 ? 0.0535 0.0430 0.0513 -0.0159 0.0168  -0.0080 169 TYR A CA  
20  C C   . TYR A 2 ? 0.0918 0.0534 0.0384 -0.0057 0.0148  0.0168  169 TYR A C   
21  O O   . TYR A 2 ? 0.0742 0.0721 0.0944 -0.0293 0.0179  -0.0408 169 TYR A O   
22  C CB  . TYR A 2 ? 0.1058 0.0912 0.0384 -0.0207 -0.0010 0.0209  169 TYR A CB  
23  C CG  . TYR A 2 ? 0.1318 0.0422 0.0541 0.0165  0.0388  0.0061  169 TYR A CG  
24  C CD1 . TYR A 2 ? 0.0794 0.0487 0.0630 0.0308  0.0397  0.0226  169 TYR A CD1 
25  C CD2 . TYR A 2 ? 0.0604 0.0660 0.0420 0.0038  0.0087  0.0108  169 TYR A CD2 
26  C CE1 . TYR A 2 ? 0.0539 0.0858 0.0830 -0.0215 0.0305  -0.0378 169 TYR A CE1 
27  C CE2 . TYR A 2 ? 0.0614 0.0861 0.0323 -0.0310 -0.0010 -0.0119 169 TYR A CE2 
28  C CZ  . TYR A 2 ? 0.0742 0.0546 0.0435 -0.0274 -0.0021 -0.0135 169 TYR A CZ  
29  O OH  . TYR A 2 ? 0.0532 0.0997 0.1018 -0.0216 0.0106  -0.0537 169 TYR A OH  
39  N N   . ASN A 3 ? 0.0702 0.0341 0.0506 -0.0167 -0.0038 -0.0159 170 ASN A N   
40  C CA  . ASN A 3 ? 0.0824 0.0622 0.0335 -0.0234 0.0107  0.0098  170 ASN A CA  
41  C C   . ASN A 3 ? 0.0724 0.0745 0.0317 -0.0427 -0.0095 0.0098  170 ASN A C   
42  O O   . ASN A 3 ? 0.1171 0.0515 0.0517 -0.0211 0.0083  -0.0174 170 ASN A O   
43  C CB  . ASN A 3 ? 0.0607 0.0291 0.0941 0.0063  0.0220  0.0001  170 ASN A CB  
44  C CG  . ASN A 3 ? 0.1495 0.0483 0.0549 -0.0150 0.0310  0.0018  170 ASN A CG  
45  O OD1 . ASN A 3 ? 0.1637 0.0690 0.0860 -0.0376 -0.0391 -0.0019 170 ASN A OD1 
46  N ND2 . ASN A 3 ? 0.1711 0.1487 0.0572 -0.0091 -0.0320 0.0190  170 ASN A ND2 
53  N N   . ASN A 4 ? 0.0403 0.0363 0.0465 -0.0107 0.0056  -0.0224 171 ASN A N   
54  C CA  . ASN A 4 ? 0.0296 0.0354 0.0229 -0.0037 0.0065  -0.0152 171 ASN A CA  
55  C C   . ASN A 4 ? 0.0178 0.0629 0.0256 -0.0048 -0.0022 0.0189  171 ASN A C   
56  O O   . ASN A 4 ? 0.0878 0.0536 0.0287 -0.0418 -0.0020 0.0002  171 ASN A O   
57  C CB  . ASN A 4 ? 0.0528 0.0333 0.0728 0.0126  0.0243  0.0202  171 ASN A CB  
58  C CG  . ASN A 4 ? 0.0615 0.0653 0.0919 -0.0190 0.0061  -0.0401 171 ASN A CG  
59  O OD1 . ASN A 4 ? 0.0266 0.0406 0.0870 0.0055  -0.0005 -0.0005 171 ASN A OD1 
60  N ND2 . ASN A 4 ? 0.0307 0.0635 0.0854 0.0047  -0.0087 -0.0392 171 ASN A ND2 
67  N N   . GLN A 5 ? 0.0248 0.0403 0.0413 0.0005  0.0040  -0.0235 172 GLN A N   
68  C CA  . GLN A 5 ? 0.0864 0.0455 0.0243 -0.0342 0.0000  0.0010  172 GLN A CA  
69  C C   . GLN A 5 ? 0.0211 0.0313 0.0709 0.0038  0.0050  0.0258  172 GLN A C   
70  O O   . GLN A 5 ? 0.0327 0.0375 0.0379 0.0010  -0.0051 0.0217  172 GLN A O   
71  C CB  . GLN A 5 ? 0.0427 0.0305 0.0154 0.0038  0.0052  0.0082  172 GLN A CB  
72  C CG  . GLN A 5 ? 0.0458 0.0617 0.0458 -0.0152 -0.0149 -0.0031 172 GLN A CG  
73  C CD  . GLN A 5 ? 0.0369 0.0415 0.0411 -0.0132 -0.0144 -0.0117 172 GLN A CD  
74  O OE1 . GLN A 5 ? 0.0572 0.0465 0.0408 -0.0185 0.0039  -0.0079 172 GLN A OE1 
75  N NE2 . GLN A 5 ? 0.0430 0.0753 0.0898 -0.0101 -0.0005 -0.0441 172 GLN A NE2 
84  N N   . ASN A 6 ? 0.0324 0.0404 0.0716 0.0154  0.0125  0.0037  173 ASN A N   
85  C CA  . ASN A 6 ? 0.0497 0.0210 0.0240 0.0018  0.0092  0.0065  173 ASN A CA  
86  C C   . ASN A 6 ? 0.0570 0.0253 0.0372 -0.0141 0.0045  -0.0034 173 ASN A C   
87  O O   . ASN A 6 ? 0.0489 0.0214 0.0451 -0.0138 -0.0038 -0.0069 173 ASN A O   
88  C CB  . ASN A 6 ? 0.0246 0.0591 0.0769 -0.0092 0.0026  -0.0182 173 ASN A CB  
89  C CG  . ASN A 6 ? 0.0172 0.0619 0.0531 -0.0048 0.0005  -0.0079 173 ASN A CG  
90  O OD1 . ASN A 6 ? 0.0276 0.0286 0.0683 -0.0038 0.0144  -0.0190 173 ASN A OD1 
91  N ND2 . ASN A 6 ? 0.0164 0.0503 0.0516 0.0050  -0.0001 -0.0099 173 ASN A ND2 
98  N N   . ASN A 7 ? 0.0654 0.0451 0.0377 -0.0315 -0.0010 -0.0008 174 ASN A N   
99  C CA  . ASN A 7 ? 0.1324 0.0379 0.0351 -0.0063 0.0000  -0.0029 174 ASN A CA  
100 C C   . ASN A 7 ? 0.0365 0.0222 0.0276 0.0095  0.0098  -0.0061 174 ASN A C   
101 O O   . ASN A 7 ? 0.0903 0.0369 0.0549 -0.0251 0.0007  0.0000  174 ASN A O   
102 C CB  . ASN A 7 ? 0.0634 0.0480 0.0673 -0.0165 0.0082  -0.0225 174 ASN A CB  
103 C CG  . ASN A 7 ? 0.0692 0.0641 0.0230 -0.0016 0.0060  0.0147  174 ASN A CG  
104 O OD1 . ASN A 7 ? 0.0266 0.0277 0.0726 0.0043  -0.0027 -0.0181 174 ASN A OD1 
105 N ND2 . ASN A 7 ? 0.0261 0.0367 0.0875 0.0030  -0.0077 -0.0287 174 ASN A ND2 
112 N N   . PHE A 8 ? 0.0823 0.0291 0.0451 -0.0196 -0.0026 0.0036  175 PHE A N   
113 C CA  . PHE A 8 ? 0.0978 0.0387 0.0775 -0.0265 -0.0045 -0.0074 175 PHE A CA  
114 C C   . PHE A 8 ? 0.1080 0.0656 0.0450 -0.0194 0.0101  0.0178  175 PHE A C   
115 O O   . PHE A 8 ? 0.1311 0.0634 0.1008 -0.0393 0.0323  0.0028  175 PHE A O   
116 C CB  . PHE A 8 ? 0.0915 0.0762 0.0617 -0.0064 0.0073  0.0135  175 PHE A CB  
117 C CG  . PHE A 8 ? 0.1198 0.0859 0.0893 -0.0233 0.0221  0.0427  175 PHE A CG  
118 C CD1 . PHE A 8 ? 0.1274 0.0533 0.1320 0.0034  0.0308  0.0280  175 PHE A CD1 
119 C CD2 . PHE A 8 ? 0.1493 0.1079 0.1110 -0.0625 -0.0055 -0.0312 175 PHE A CD2 
120 C CE1 . PHE A 8 ? 0.2613 0.1239 0.1039 0.0286  0.0742  0.0147  175 PHE A CE1 
121 C CE2 . PHE A 8 ? 0.0733 0.1070 0.1986 -0.0212 0.0371  -0.0770 175 PHE A CE2 
122 C CZ  . PHE A 8 ? 0.1324 0.1513 0.2043 -0.0479 0.0741  -0.0629 175 PHE A CZ  
132 N N   . VAL A 9 ? 0.1437 0.1078 0.1239 -0.0693 -0.0221 -0.0047 176 VAL A N   
133 C CA  . VAL A 9 ? 0.2636 0.1105 0.1398 0.0190  0.0163  -0.0087 176 VAL A CA  
134 C C   . VAL A 9 ? 0.2968 0.4650 0.4992 -0.1584 0.1269  0.0770  176 VAL A C   
135 O O   . VAL A 9 ? 0.5871 0.4597 0.1980 -0.0048 0.0822  0.0971  176 VAL A O   
136 C CB  . VAL A 9 ? 0.2480 0.4834 0.3407 0.0159  0.1659  -0.0104 176 VAL A CB  
137 C CG1 . VAL A 9 ? 0.2688 0.6870 0.3408 -0.1745 -0.0004 -0.1114 176 VAL A CG1 
138 C CG2 . VAL A 9 ? 0.3035 0.2302 0.7423 -0.0403 -0.2193 0.0980  176 VAL A CG2 
139 O OXT . VAL A 9 ? 0.3566 0.3965 0.6662 -0.1940 -0.0483 0.0806  176 VAL A OXT 
149 O O   . HOH B . ? 0.2776 0.2862 0.1774 -0.1487 -0.0530 0.0867  201 HOH A O   
150 O O   . HOH B . ? 0.1312 0.4439 0.3765 0.0297  0.0277  -0.0757 202 HOH A O   
# 
